data_6N86
#
_entry.id   6N86
#
_cell.length_a   95.150
_cell.length_b   134.340
_cell.length_c   221.750
_cell.angle_alpha   90.00
_cell.angle_beta   90.00
_cell.angle_gamma   90.00
#
_symmetry.space_group_name_H-M   'F 2 2 2'
#
_entity_poly.entity_id   1
_entity_poly.type   'polypeptide(L)'
_entity_poly.pdbx_seq_one_letter_code
;MGSSHHHHHHSSGLVPRGSHMEPRAVADALETGEEDVVMEALRAYNRENSQSFTFDDAQQEDRKRLAKLLVSVLEQGLPP
SRRVIWLQSIRILSRDRSCLDSFTSRRSLQALACYAGISASQGSVPEPLNMDVVLESLKCLCNLVLSSPVAQALAAEAGL
VVRLAERVGLCRQSSFPHDVQFFDLRLLFLLTALRTDVRQQLFQELQGVRLLTRALELTLGMTEGERHPELLPPQETERA
MEILKVLFNITFDSIKREVDEEDAALYRHLGTLLRHCVMLAAAGDRTEELHGHAVNLLGNLPVKCLDVLLTLEPHEGSLE
FLGVNMDVIRVLLSFMEKRLHQTHRLKESVAPVLSVLTECARMHRPARKFLKAQVLPPLRDVRTRPEVGELLRNKLVRLM
THLDTDVKRVAAEFLFVLCSESVPRFIKYTGYGNAAGLLAARGLMAGGRPEGQYSEDEDTDTDEYKEAKASINPVTGRVE
EKPPNPMEGMTEEQKEHEAMKLVNMFDKLSRH
;
_entity_poly.pdbx_strand_id   B
#
# COMPACT_ATOMS: atom_id res chain seq x y z
N MET A 21 -36.07 -5.69 11.61
CA MET A 21 -36.17 -6.23 10.27
C MET A 21 -35.93 -5.14 9.22
N GLU A 22 -36.83 -4.14 9.17
CA GLU A 22 -36.70 -3.07 8.20
C GLU A 22 -36.03 -1.85 8.82
N PRO A 23 -35.38 -1.03 8.00
CA PRO A 23 -34.70 0.16 8.54
C PRO A 23 -35.62 1.13 9.25
N ARG A 24 -36.80 1.40 8.69
CA ARG A 24 -37.75 2.29 9.36
C ARG A 24 -38.22 1.70 10.69
N ALA A 25 -38.43 0.37 10.72
CA ALA A 25 -38.83 -0.28 11.95
C ALA A 25 -37.74 -0.16 13.02
N VAL A 26 -36.49 -0.39 12.65
CA VAL A 26 -35.40 -0.29 13.61
C VAL A 26 -35.23 1.17 14.08
N ALA A 27 -35.42 2.13 13.17
CA ALA A 27 -35.30 3.53 13.56
C ALA A 27 -36.42 3.93 14.52
N ASP A 28 -37.64 3.47 14.28
CA ASP A 28 -38.72 3.74 15.21
C ASP A 28 -38.51 3.04 16.54
N ALA A 29 -37.89 1.86 16.52
CA ALA A 29 -37.55 1.18 17.76
C ALA A 29 -36.52 1.97 18.57
N LEU A 30 -35.51 2.51 17.89
CA LEU A 30 -34.50 3.30 18.59
C LEU A 30 -35.05 4.65 19.04
N GLU A 31 -36.08 5.16 18.38
CA GLU A 31 -36.71 6.42 18.80
C GLU A 31 -37.57 6.20 20.04
N THR A 32 -38.54 5.29 19.96
CA THR A 32 -39.44 4.97 21.07
C THR A 32 -39.21 3.51 21.44
N GLY A 33 -38.25 3.27 22.33
CA GLY A 33 -37.94 1.92 22.75
C GLY A 33 -37.18 1.91 24.05
N GLU A 34 -37.27 0.79 24.76
CA GLU A 34 -36.58 0.63 26.03
C GLU A 34 -35.13 0.23 25.83
N GLU A 35 -34.54 -0.39 26.85
CA GLU A 35 -33.13 -0.79 26.80
C GLU A 35 -32.94 -2.09 26.03
N ASP A 36 -33.79 -3.08 26.28
CA ASP A 36 -33.59 -4.40 25.68
C ASP A 36 -34.04 -4.46 24.23
N VAL A 37 -35.11 -3.75 23.88
CA VAL A 37 -35.69 -3.91 22.55
C VAL A 37 -34.80 -3.27 21.49
N VAL A 38 -34.16 -2.14 21.81
CA VAL A 38 -33.28 -1.49 20.84
C VAL A 38 -32.06 -2.38 20.57
N MET A 39 -31.52 -3.00 21.62
CA MET A 39 -30.37 -3.89 21.44
C MET A 39 -30.76 -5.14 20.68
N GLU A 40 -31.96 -5.68 20.95
CA GLU A 40 -32.41 -6.85 20.21
C GLU A 40 -32.62 -6.52 18.73
N ALA A 41 -33.17 -5.34 18.44
CA ALA A 41 -33.37 -4.94 17.05
C ALA A 41 -32.05 -4.75 16.33
N LEU A 42 -31.10 -4.05 16.96
CA LEU A 42 -29.79 -3.87 16.34
C LEU A 42 -29.08 -5.20 16.17
N ARG A 43 -29.23 -6.11 17.13
CA ARG A 43 -28.61 -7.43 17.03
C ARG A 43 -29.19 -8.22 15.87
N ALA A 44 -30.52 -8.22 15.74
CA ALA A 44 -31.15 -8.92 14.63
C ALA A 44 -30.78 -8.31 13.29
N TYR A 45 -30.62 -6.98 13.24
CA TYR A 45 -30.23 -6.34 12.00
C TYR A 45 -28.79 -6.67 11.64
N ASN A 46 -27.89 -6.68 12.63
CA ASN A 46 -26.49 -7.00 12.35
C ASN A 46 -26.33 -8.46 11.95
N ARG A 47 -27.09 -9.37 12.57
CA ARG A 47 -26.98 -10.78 12.21
C ARG A 47 -27.51 -11.04 10.80
N GLU A 48 -28.57 -10.33 10.41
CA GLU A 48 -29.19 -10.53 9.10
C GLU A 48 -28.60 -9.66 8.01
N ASN A 49 -27.82 -8.63 8.37
CA ASN A 49 -27.20 -7.76 7.37
C ASN A 49 -25.69 -7.70 7.54
N SER A 50 -25.08 -8.73 8.12
CA SER A 50 -23.62 -8.78 8.22
C SER A 50 -22.96 -9.04 6.88
N GLN A 51 -23.72 -9.50 5.89
CA GLN A 51 -23.22 -9.80 4.55
C GLN A 51 -23.94 -8.95 3.50
N SER A 52 -24.17 -7.68 3.80
CA SER A 52 -24.91 -6.80 2.91
C SER A 52 -24.33 -5.40 2.99
N PHE A 53 -23.64 -4.97 1.94
CA PHE A 53 -23.14 -3.61 1.84
C PHE A 53 -23.97 -2.74 0.92
N THR A 54 -24.79 -3.34 0.06
CA THR A 54 -25.67 -2.61 -0.84
C THR A 54 -27.08 -2.53 -0.26
N PHE A 55 -27.78 -1.46 -0.60
CA PHE A 55 -29.12 -1.23 -0.10
C PHE A 55 -30.00 -0.68 -1.22
N ASP A 56 -31.29 -1.01 -1.15
CA ASP A 56 -32.24 -0.50 -2.13
C ASP A 56 -32.47 1.00 -1.90
N ASP A 57 -32.48 1.76 -2.99
CA ASP A 57 -32.67 3.20 -2.90
C ASP A 57 -34.14 3.56 -2.71
N ALA A 58 -34.76 2.97 -1.69
CA ALA A 58 -36.16 3.27 -1.37
C ALA A 58 -36.33 3.66 0.09
N GLN A 59 -35.50 3.09 0.97
CA GLN A 59 -35.51 3.39 2.39
C GLN A 59 -34.45 4.42 2.77
N GLN A 60 -34.12 5.33 1.86
CA GLN A 60 -33.00 6.24 2.07
C GLN A 60 -33.27 7.23 3.19
N GLU A 61 -34.48 7.79 3.25
CA GLU A 61 -34.80 8.74 4.31
C GLU A 61 -34.81 8.06 5.67
N ASP A 62 -35.35 6.83 5.75
CA ASP A 62 -35.33 6.10 7.01
C ASP A 62 -33.90 5.77 7.43
N ARG A 63 -33.05 5.41 6.47
CA ARG A 63 -31.66 5.12 6.79
C ARG A 63 -30.93 6.36 7.27
N LYS A 64 -31.22 7.52 6.66
CA LYS A 64 -30.61 8.76 7.11
C LYS A 64 -31.07 9.14 8.51
N ARG A 65 -32.37 8.94 8.79
CA ARG A 65 -32.86 9.22 10.14
C ARG A 65 -32.20 8.31 11.17
N LEU A 66 -32.09 7.02 10.84
CA LEU A 66 -31.43 6.08 11.74
C LEU A 66 -29.96 6.46 11.95
N ALA A 67 -29.28 6.89 10.88
CA ALA A 67 -27.88 7.29 11.01
C ALA A 67 -27.74 8.52 11.89
N LYS A 68 -28.63 9.51 11.72
CA LYS A 68 -28.57 10.70 12.56
C LYS A 68 -28.85 10.37 14.01
N LEU A 69 -29.80 9.46 14.27
CA LEU A 69 -30.06 9.04 15.64
C LEU A 69 -28.84 8.33 16.24
N LEU A 70 -28.21 7.45 15.46
CA LEU A 70 -27.02 6.76 15.95
C LEU A 70 -25.88 7.74 16.22
N VAL A 71 -25.74 8.76 15.38
CA VAL A 71 -24.71 9.77 15.61
C VAL A 71 -25.01 10.58 16.87
N SER A 72 -26.29 10.90 17.09
CA SER A 72 -26.65 11.64 18.30
C SER A 72 -26.38 10.80 19.55
N VAL A 73 -26.63 9.50 19.48
CA VAL A 73 -26.34 8.64 20.62
C VAL A 73 -24.83 8.47 20.80
N LEU A 74 -24.06 8.46 19.71
CA LEU A 74 -22.62 8.30 19.80
C LEU A 74 -21.97 9.53 20.41
N GLU A 75 -22.37 10.72 19.96
CA GLU A 75 -21.83 11.95 20.52
C GLU A 75 -22.22 12.11 21.98
N GLN A 76 -23.36 11.56 22.37
CA GLN A 76 -23.77 11.63 23.77
C GLN A 76 -22.91 10.72 24.65
N GLY A 77 -22.64 9.50 24.19
CA GLY A 77 -21.81 8.58 24.94
C GLY A 77 -22.42 7.20 25.07
N LEU A 78 -21.70 6.17 24.60
CA LEU A 78 -22.21 4.81 24.66
C LEU A 78 -21.78 4.14 25.96
N PRO A 79 -22.64 3.29 26.53
CA PRO A 79 -22.26 2.53 27.72
C PRO A 79 -21.28 1.43 27.37
N PRO A 80 -20.32 1.14 28.25
CA PRO A 80 -19.29 0.14 27.93
C PRO A 80 -19.84 -1.24 27.63
N SER A 81 -21.07 -1.54 28.04
CA SER A 81 -21.66 -2.85 27.76
C SER A 81 -22.22 -2.95 26.34
N ARG A 82 -22.52 -1.81 25.70
CA ARG A 82 -23.18 -1.79 24.40
C ARG A 82 -22.34 -0.96 23.44
N ARG A 83 -21.34 -1.59 22.82
CA ARG A 83 -20.47 -0.90 21.87
C ARG A 83 -20.23 -1.76 20.64
N VAL A 84 -19.85 -3.03 20.85
CA VAL A 84 -19.55 -3.92 19.74
C VAL A 84 -20.75 -4.05 18.81
N ILE A 85 -21.93 -4.25 19.40
CA ILE A 85 -23.16 -4.33 18.59
C ILE A 85 -23.47 -2.98 17.98
N TRP A 86 -23.11 -1.89 18.66
CA TRP A 86 -23.41 -0.56 18.16
C TRP A 86 -22.50 -0.20 16.98
N LEU A 87 -21.18 -0.21 17.22
CA LEU A 87 -20.23 0.18 16.18
C LEU A 87 -20.42 -0.64 14.91
N GLN A 88 -20.52 -1.96 15.05
CA GLN A 88 -20.78 -2.81 13.89
C GLN A 88 -22.03 -2.35 13.14
N SER A 89 -23.10 -2.05 13.89
CA SER A 89 -24.30 -1.49 13.29
C SER A 89 -23.96 -0.22 12.51
N ILE A 90 -23.22 0.70 13.13
CA ILE A 90 -22.76 1.89 12.44
C ILE A 90 -22.00 1.50 11.18
N ARG A 91 -21.15 0.48 11.27
CA ARG A 91 -20.43 0.01 10.10
C ARG A 91 -21.39 -0.36 8.97
N ILE A 92 -22.49 -1.04 9.31
CA ILE A 92 -23.47 -1.40 8.30
C ILE A 92 -24.05 -0.15 7.64
N LEU A 93 -24.27 0.90 8.45
CA LEU A 93 -24.74 2.16 7.89
C LEU A 93 -23.61 2.99 7.28
N SER A 94 -22.35 2.65 7.56
CA SER A 94 -21.25 3.30 6.87
C SER A 94 -21.09 2.80 5.45
N ARG A 95 -21.75 1.70 5.10
CA ARG A 95 -21.74 1.16 3.75
C ARG A 95 -22.65 1.93 2.79
N ASP A 96 -23.30 2.99 3.26
CA ASP A 96 -24.22 3.78 2.46
C ASP A 96 -23.63 5.18 2.27
N ARG A 97 -23.40 5.57 1.01
CA ARG A 97 -22.81 6.87 0.73
C ARG A 97 -23.76 8.01 1.10
N SER A 98 -25.06 7.77 1.05
CA SER A 98 -26.02 8.82 1.43
C SER A 98 -25.98 9.08 2.93
N CYS A 99 -25.97 8.02 3.74
CA CYS A 99 -25.85 8.16 5.18
C CYS A 99 -24.43 8.47 5.63
N LEU A 100 -23.46 8.41 4.71
CA LEU A 100 -22.06 8.64 5.07
C LEU A 100 -21.87 10.01 5.72
N ASP A 101 -22.46 11.04 5.13
CA ASP A 101 -22.28 12.39 5.64
C ASP A 101 -22.89 12.59 7.02
N SER A 102 -23.87 11.78 7.40
CA SER A 102 -24.45 11.88 8.73
C SER A 102 -23.44 11.50 9.81
N PHE A 103 -22.52 10.59 9.51
CA PHE A 103 -21.52 10.16 10.47
C PHE A 103 -20.28 11.04 10.48
N THR A 104 -20.02 11.78 9.41
CA THR A 104 -18.80 12.57 9.28
C THR A 104 -18.99 13.91 9.99
N SER A 105 -18.72 13.91 11.29
CA SER A 105 -18.73 15.12 12.10
C SER A 105 -17.57 15.06 13.09
N ARG A 106 -17.19 16.24 13.59
CA ARG A 106 -16.05 16.31 14.48
C ARG A 106 -16.29 15.55 15.78
N ARG A 107 -17.49 15.69 16.36
CA ARG A 107 -17.80 14.97 17.60
C ARG A 107 -17.85 13.47 17.36
N SER A 108 -18.42 13.04 16.23
CA SER A 108 -18.50 11.62 15.93
C SER A 108 -17.11 11.02 15.74
N LEU A 109 -16.23 11.72 15.02
CA LEU A 109 -14.88 11.21 14.82
C LEU A 109 -14.07 11.25 16.11
N GLN A 110 -14.32 12.23 16.98
CA GLN A 110 -13.69 12.23 18.29
C GLN A 110 -14.12 11.02 19.10
N ALA A 111 -15.42 10.70 19.08
CA ALA A 111 -15.91 9.53 19.80
C ALA A 111 -15.33 8.24 19.22
N LEU A 112 -15.21 8.17 17.90
CA LEU A 112 -14.65 6.97 17.28
C LEU A 112 -13.16 6.82 17.62
N ALA A 113 -12.42 7.93 17.63
CA ALA A 113 -11.01 7.87 18.01
C ALA A 113 -10.84 7.53 19.48
N CYS A 114 -11.76 7.96 20.33
CA CYS A 114 -11.70 7.60 21.74
C CYS A 114 -12.01 6.12 21.94
N TYR A 115 -12.99 5.60 21.18
CA TYR A 115 -13.29 4.17 21.28
C TYR A 115 -12.21 3.32 20.62
N ALA A 116 -11.50 3.88 19.64
CA ALA A 116 -10.37 3.18 19.03
C ALA A 116 -9.07 3.36 19.81
N GLY A 117 -9.07 4.24 20.81
CA GLY A 117 -7.85 4.48 21.58
C GLY A 117 -6.80 5.29 20.88
N ILE A 118 -7.17 6.02 19.83
CA ILE A 118 -6.22 6.84 19.07
C ILE A 118 -6.44 8.33 19.28
N SER A 119 -7.38 8.73 20.13
CA SER A 119 -7.61 10.13 20.40
C SER A 119 -6.58 10.65 21.41
N ALA A 120 -6.20 11.92 21.23
CA ALA A 120 -5.21 12.53 22.11
C ALA A 120 -5.78 12.84 23.49
N SER A 121 -7.10 12.89 23.62
CA SER A 121 -7.73 13.17 24.91
C SER A 121 -7.72 11.95 25.82
N GLU A 127 -7.81 3.55 30.97
CA GLU A 127 -9.12 2.99 30.64
C GLU A 127 -8.99 1.66 29.90
N PRO A 128 -9.84 0.70 30.24
CA PRO A 128 -9.80 -0.60 29.57
C PRO A 128 -10.25 -0.49 28.12
N LEU A 129 -9.79 -1.45 27.32
CA LEU A 129 -10.10 -1.48 25.90
C LEU A 129 -10.48 -2.89 25.48
N ASN A 130 -11.63 -3.02 24.81
CA ASN A 130 -12.04 -4.28 24.21
C ASN A 130 -11.50 -4.33 22.78
N MET A 131 -10.83 -5.44 22.45
CA MET A 131 -10.22 -5.55 21.13
C MET A 131 -11.25 -5.58 20.02
N ASP A 132 -12.44 -6.14 20.29
CA ASP A 132 -13.51 -6.08 19.30
C ASP A 132 -13.98 -4.65 19.08
N VAL A 133 -14.10 -3.87 20.16
CA VAL A 133 -14.46 -2.45 20.04
C VAL A 133 -13.41 -1.71 19.22
N VAL A 134 -12.13 -1.97 19.50
CA VAL A 134 -11.06 -1.30 18.77
C VAL A 134 -11.10 -1.67 17.29
N LEU A 135 -11.31 -2.96 16.99
CA LEU A 135 -11.33 -3.40 15.60
C LEU A 135 -12.51 -2.79 14.86
N GLU A 136 -13.69 -2.76 15.48
CA GLU A 136 -14.84 -2.17 14.80
C GLU A 136 -14.68 -0.67 14.62
N SER A 137 -14.09 0.02 15.60
CA SER A 137 -13.82 1.44 15.44
C SER A 137 -12.84 1.69 14.31
N LEU A 138 -11.79 0.86 14.20
CA LEU A 138 -10.83 1.01 13.11
C LEU A 138 -11.47 0.74 11.76
N LYS A 139 -12.35 -0.27 11.69
CA LYS A 139 -13.05 -0.54 10.45
C LYS A 139 -13.93 0.64 10.04
N CYS A 140 -14.68 1.19 10.99
CA CYS A 140 -15.53 2.34 10.69
C CYS A 140 -14.70 3.55 10.25
N LEU A 141 -13.58 3.78 10.92
CA LEU A 141 -12.72 4.91 10.55
C LEU A 141 -12.14 4.73 9.16
N CYS A 142 -11.70 3.52 8.82
CA CYS A 142 -11.18 3.27 7.47
C CYS A 142 -12.26 3.44 6.42
N ASN A 143 -13.48 2.95 6.72
CA ASN A 143 -14.58 3.11 5.77
C ASN A 143 -14.93 4.58 5.56
N LEU A 144 -14.90 5.38 6.64
CA LEU A 144 -15.23 6.79 6.51
C LEU A 144 -14.15 7.55 5.76
N VAL A 145 -12.87 7.25 6.05
CA VAL A 145 -11.78 7.97 5.39
C VAL A 145 -11.71 7.60 3.91
N LEU A 146 -11.91 6.32 3.59
CA LEU A 146 -11.86 5.89 2.20
C LEU A 146 -13.00 6.46 1.37
N SER A 147 -14.11 6.82 2.01
CA SER A 147 -15.31 7.22 1.29
C SER A 147 -15.65 8.70 1.40
N SER A 148 -15.04 9.43 2.33
CA SER A 148 -15.43 10.82 2.59
C SER A 148 -14.19 11.71 2.65
N PRO A 149 -14.05 12.68 1.74
CA PRO A 149 -12.99 13.68 1.91
C PRO A 149 -13.14 14.50 3.17
N VAL A 150 -14.38 14.77 3.60
CA VAL A 150 -14.59 15.45 4.86
C VAL A 150 -14.06 14.61 6.02
N ALA A 151 -14.28 13.30 5.97
CA ALA A 151 -13.78 12.42 7.03
C ALA A 151 -12.26 12.38 7.03
N GLN A 152 -11.64 12.29 5.85
CA GLN A 152 -10.18 12.25 5.82
C GLN A 152 -9.58 13.59 6.28
N ALA A 153 -10.23 14.70 5.98
CA ALA A 153 -9.72 15.99 6.44
C ALA A 153 -9.92 16.16 7.95
N LEU A 154 -11.03 15.64 8.48
CA LEU A 154 -11.23 15.67 9.93
C LEU A 154 -10.20 14.80 10.63
N ALA A 155 -9.86 13.66 10.04
CA ALA A 155 -8.81 12.82 10.62
C ALA A 155 -7.46 13.50 10.54
N ALA A 156 -7.20 14.23 9.45
CA ALA A 156 -5.97 15.00 9.34
C ALA A 156 -5.89 16.10 10.40
N GLU A 157 -7.04 16.75 10.67
CA GLU A 157 -7.05 17.82 11.66
C GLU A 157 -6.91 17.28 13.07
N ALA A 158 -7.51 16.11 13.33
CA ALA A 158 -7.45 15.53 14.67
C ALA A 158 -6.08 14.99 15.02
N GLY A 159 -5.23 14.74 14.04
CA GLY A 159 -3.90 14.22 14.31
C GLY A 159 -3.88 12.80 14.83
N LEU A 160 -4.78 11.94 14.32
CA LEU A 160 -4.80 10.55 14.73
C LEU A 160 -3.55 9.80 14.29
N VAL A 161 -2.84 10.32 13.28
CA VAL A 161 -1.66 9.64 12.75
C VAL A 161 -0.59 9.53 13.82
N VAL A 162 -0.51 10.50 14.74
CA VAL A 162 0.51 10.45 15.78
C VAL A 162 0.32 9.23 16.67
N ARG A 163 -0.88 9.08 17.23
CA ARG A 163 -1.15 7.93 18.10
C ARG A 163 -1.15 6.62 17.33
N LEU A 164 -1.56 6.65 16.05
CA LEU A 164 -1.47 5.45 15.22
C LEU A 164 -0.03 5.00 15.08
N ALA A 165 0.88 5.95 14.79
CA ALA A 165 2.29 5.61 14.66
C ALA A 165 2.87 5.16 16.00
N GLU A 166 2.40 5.75 17.10
CA GLU A 166 2.84 5.29 18.42
C GLU A 166 2.44 3.84 18.66
N ARG A 167 1.18 3.51 18.41
CA ARG A 167 0.71 2.14 18.62
C ARG A 167 1.42 1.16 17.70
N VAL A 168 1.74 1.59 16.47
CA VAL A 168 2.45 0.70 15.54
C VAL A 168 3.90 0.51 15.98
N GLY A 169 4.56 1.58 16.44
CA GLY A 169 5.93 1.50 16.86
C GLY A 169 6.14 0.83 18.21
N LEU A 170 5.07 0.67 18.97
CA LEU A 170 5.12 -0.18 20.17
C LEU A 170 5.72 -1.54 19.80
N CYS A 171 4.94 -2.36 19.09
CA CYS A 171 5.43 -3.57 18.43
C CYS A 171 6.00 -4.62 19.38
N ARG A 172 6.85 -4.21 20.32
CA ARG A 172 7.54 -5.18 21.18
C ARG A 172 6.65 -5.63 22.33
N GLN A 173 6.39 -4.74 23.28
CA GLN A 173 5.46 -5.06 24.36
C GLN A 173 4.00 -5.06 23.90
N SER A 174 3.75 -4.79 22.62
CA SER A 174 2.40 -4.73 22.08
C SER A 174 2.00 -6.12 21.61
N SER A 175 1.14 -6.78 22.38
CA SER A 175 0.55 -8.06 22.00
C SER A 175 -0.80 -7.90 21.32
N PHE A 176 -1.01 -6.80 20.60
CA PHE A 176 -2.27 -6.56 19.93
C PHE A 176 -2.50 -7.60 18.84
N PRO A 177 -3.76 -7.94 18.56
CA PRO A 177 -4.04 -8.98 17.56
C PRO A 177 -3.74 -8.52 16.14
N HIS A 178 -3.63 -9.52 15.26
CA HIS A 178 -3.31 -9.26 13.86
C HIS A 178 -4.35 -8.36 13.21
N ASP A 179 -5.62 -8.52 13.58
CA ASP A 179 -6.66 -7.67 13.01
C ASP A 179 -6.44 -6.20 13.36
N VAL A 180 -6.16 -5.93 14.63
CA VAL A 180 -5.93 -4.55 15.06
C VAL A 180 -4.69 -3.98 14.38
N GLN A 181 -3.61 -4.75 14.32
CA GLN A 181 -2.40 -4.25 13.69
C GLN A 181 -2.61 -3.99 12.20
N PHE A 182 -3.25 -4.92 11.51
CA PHE A 182 -3.49 -4.79 10.08
C PHE A 182 -4.39 -3.61 9.77
N PHE A 183 -5.42 -3.38 10.58
CA PHE A 183 -6.30 -2.26 10.29
C PHE A 183 -5.68 -0.93 10.71
N ASP A 184 -4.79 -0.92 11.71
CA ASP A 184 -3.99 0.27 11.95
C ASP A 184 -3.13 0.61 10.74
N LEU A 185 -2.49 -0.41 10.16
CA LEU A 185 -1.68 -0.17 8.97
C LEU A 185 -2.53 0.27 7.79
N ARG A 186 -3.73 -0.28 7.66
CA ARG A 186 -4.63 0.13 6.57
C ARG A 186 -5.09 1.57 6.75
N LEU A 187 -5.39 1.97 7.99
CA LEU A 187 -5.76 3.36 8.25
C LEU A 187 -4.60 4.29 7.96
N LEU A 188 -3.38 3.89 8.32
CA LEU A 188 -2.21 4.69 7.96
C LEU A 188 -2.07 4.82 6.45
N PHE A 189 -2.29 3.72 5.73
CA PHE A 189 -2.24 3.75 4.27
C PHE A 189 -3.26 4.73 3.70
N LEU A 190 -4.49 4.67 4.21
CA LEU A 190 -5.54 5.56 3.71
C LEU A 190 -5.23 7.02 4.04
N LEU A 191 -4.68 7.28 5.22
CA LEU A 191 -4.39 8.66 5.61
C LEU A 191 -3.21 9.22 4.83
N THR A 192 -2.21 8.39 4.54
CA THR A 192 -1.03 8.86 3.82
C THR A 192 -1.25 8.92 2.31
N ALA A 193 -2.24 8.19 1.80
CA ALA A 193 -2.58 8.25 0.38
C ALA A 193 -3.49 9.42 0.04
N LEU A 194 -4.38 9.82 0.95
CA LEU A 194 -5.37 10.84 0.65
C LEU A 194 -5.04 12.21 1.21
N ARG A 195 -4.19 12.30 2.24
CA ARG A 195 -3.86 13.56 2.89
C ARG A 195 -2.35 13.78 2.79
N THR A 196 -1.95 14.71 1.94
CA THR A 196 -0.53 15.01 1.78
C THR A 196 0.07 15.61 3.05
N ASP A 197 -0.73 16.36 3.83
CA ASP A 197 -0.22 16.91 5.07
C ASP A 197 0.06 15.81 6.09
N VAL A 198 -0.83 14.83 6.20
CA VAL A 198 -0.57 13.68 7.07
C VAL A 198 0.64 12.91 6.57
N ARG A 199 0.75 12.74 5.25
CA ARG A 199 1.90 12.05 4.68
C ARG A 199 3.21 12.73 5.06
N GLN A 200 3.26 14.05 4.93
CA GLN A 200 4.49 14.78 5.26
C GLN A 200 4.74 14.80 6.76
N GLN A 201 3.68 14.84 7.57
CA GLN A 201 3.85 14.83 9.02
C GLN A 201 4.41 13.49 9.48
N LEU A 202 3.99 12.39 8.86
CA LEU A 202 4.52 11.08 9.23
C LEU A 202 5.97 10.92 8.79
N PHE A 203 6.36 11.60 7.71
CA PHE A 203 7.73 11.46 7.20
C PHE A 203 8.70 12.35 7.95
N GLN A 204 8.38 13.63 8.09
CA GLN A 204 9.33 14.61 8.62
C GLN A 204 9.27 14.71 10.15
N GLU A 205 8.08 14.98 10.69
CA GLU A 205 7.97 15.23 12.13
C GLU A 205 8.16 13.95 12.94
N LEU A 206 7.37 12.91 12.63
CA LEU A 206 7.41 11.69 13.42
C LEU A 206 8.54 10.75 13.03
N GLN A 207 9.25 11.04 11.93
CA GLN A 207 10.29 10.15 11.41
C GLN A 207 9.76 8.73 11.24
N GLY A 208 8.61 8.63 10.55
CA GLY A 208 7.95 7.36 10.38
C GLY A 208 8.71 6.36 9.55
N VAL A 209 9.72 6.81 8.80
CA VAL A 209 10.50 5.88 7.97
C VAL A 209 11.20 4.85 8.85
N ARG A 210 11.91 5.31 9.89
CA ARG A 210 12.61 4.40 10.78
C ARG A 210 11.64 3.53 11.56
N LEU A 211 10.50 4.10 11.96
CA LEU A 211 9.49 3.33 12.70
C LEU A 211 8.96 2.18 11.84
N LEU A 212 8.60 2.47 10.59
CA LEU A 212 8.08 1.42 9.72
C LEU A 212 9.16 0.43 9.31
N THR A 213 10.41 0.88 9.19
CA THR A 213 11.50 -0.06 8.92
C THR A 213 11.68 -1.02 10.08
N ARG A 214 11.62 -0.50 11.31
CA ARG A 214 11.71 -1.36 12.49
C ARG A 214 10.52 -2.32 12.55
N ALA A 215 9.32 -1.84 12.23
CA ALA A 215 8.14 -2.70 12.24
C ALA A 215 8.26 -3.81 11.20
N LEU A 216 8.80 -3.49 10.02
CA LEU A 216 8.99 -4.50 8.99
C LEU A 216 10.07 -5.51 9.40
N GLU A 217 11.14 -5.03 10.03
CA GLU A 217 12.19 -5.95 10.50
C GLU A 217 11.64 -6.89 11.56
N LEU A 218 10.78 -6.39 12.45
CA LEU A 218 10.18 -7.25 13.47
C LEU A 218 9.10 -8.15 12.89
N THR A 219 8.47 -7.75 11.79
CA THR A 219 7.49 -8.61 11.15
C THR A 219 8.15 -9.78 10.43
N LEU A 220 9.37 -9.58 9.93
CA LEU A 220 10.11 -10.64 9.25
C LEU A 220 10.92 -11.51 10.20
N GLY A 221 11.33 -10.97 11.34
CA GLY A 221 12.12 -11.71 12.30
C GLY A 221 13.60 -11.77 11.94
N HIS A 228 15.37 -15.96 10.69
CA HIS A 228 15.19 -15.99 9.24
C HIS A 228 14.24 -17.12 8.84
N PRO A 229 12.95 -16.89 8.98
CA PRO A 229 11.97 -17.92 8.58
C PRO A 229 11.98 -18.14 7.08
N GLU A 230 11.76 -19.40 6.68
CA GLU A 230 11.73 -19.73 5.26
C GLU A 230 10.47 -19.19 4.60
N LEU A 231 9.31 -19.46 5.19
CA LEU A 231 8.03 -19.03 4.66
C LEU A 231 7.41 -17.97 5.56
N LEU A 232 6.65 -17.06 4.94
CA LEU A 232 6.00 -15.98 5.69
C LEU A 232 4.54 -16.33 5.90
N PRO A 233 4.04 -16.23 7.13
CA PRO A 233 2.63 -16.57 7.40
C PRO A 233 1.69 -15.61 6.69
N PRO A 234 0.40 -15.95 6.57
CA PRO A 234 -0.52 -15.03 5.89
C PRO A 234 -0.72 -13.72 6.63
N GLN A 235 -0.83 -13.77 7.96
CA GLN A 235 -1.00 -12.54 8.74
C GLN A 235 0.20 -11.63 8.59
N GLU A 236 1.41 -12.20 8.76
CA GLU A 236 2.62 -11.41 8.59
C GLU A 236 2.77 -10.90 7.16
N THR A 237 2.30 -11.67 6.18
CA THR A 237 2.36 -11.22 4.79
C THR A 237 1.45 -10.00 4.58
N GLU A 238 0.22 -10.07 5.10
CA GLU A 238 -0.69 -8.93 5.00
C GLU A 238 -0.10 -7.71 5.68
N ARG A 239 0.43 -7.88 6.90
CA ARG A 239 0.97 -6.74 7.63
C ARG A 239 2.19 -6.17 6.92
N ALA A 240 3.05 -7.03 6.37
CA ALA A 240 4.23 -6.54 5.67
C ALA A 240 3.86 -5.80 4.39
N MET A 241 2.86 -6.30 3.66
CA MET A 241 2.42 -5.59 2.46
C MET A 241 1.78 -4.25 2.81
N GLU A 242 1.05 -4.18 3.92
CA GLU A 242 0.50 -2.90 4.35
C GLU A 242 1.62 -1.93 4.74
N ILE A 243 2.65 -2.43 5.42
CA ILE A 243 3.79 -1.59 5.78
C ILE A 243 4.49 -1.08 4.52
N LEU A 244 4.64 -1.95 3.53
CA LEU A 244 5.27 -1.53 2.27
C LEU A 244 4.43 -0.49 1.56
N LYS A 245 3.10 -0.64 1.61
CA LYS A 245 2.22 0.35 0.99
C LYS A 245 2.34 1.71 1.68
N VAL A 246 2.36 1.71 3.01
CA VAL A 246 2.50 2.96 3.74
C VAL A 246 3.86 3.60 3.46
N LEU A 247 4.91 2.79 3.38
CA LEU A 247 6.24 3.32 3.07
C LEU A 247 6.28 3.90 1.67
N PHE A 248 5.62 3.24 0.71
CA PHE A 248 5.53 3.77 -0.65
C PHE A 248 4.76 5.09 -0.66
N ASN A 249 3.71 5.19 0.16
CA ASN A 249 2.94 6.42 0.21
C ASN A 249 3.71 7.57 0.85
N ILE A 250 4.59 7.26 1.81
CA ILE A 250 5.32 8.34 2.47
C ILE A 250 6.70 8.62 1.88
N THR A 251 7.25 7.69 1.09
CA THR A 251 8.58 7.83 0.52
C THR A 251 8.47 7.68 -1.00
N PHE A 252 8.34 8.80 -1.70
CA PHE A 252 8.39 8.80 -3.16
C PHE A 252 8.63 10.22 -3.67
N ASP A 253 8.27 11.22 -2.88
CA ASP A 253 8.46 12.62 -3.24
C ASP A 253 8.99 13.44 -2.07
N SER A 254 9.49 12.77 -1.03
CA SER A 254 9.98 13.43 0.17
C SER A 254 11.48 13.24 0.39
N ILE A 255 12.16 12.54 -0.51
CA ILE A 255 13.59 12.28 -0.39
C ILE A 255 14.32 13.11 -1.43
N LYS A 256 15.25 13.96 -0.98
CA LYS A 256 16.04 14.79 -1.87
C LYS A 256 17.05 13.93 -2.62
N ARG A 257 17.77 14.56 -3.56
CA ARG A 257 18.79 13.84 -4.32
C ARG A 257 19.95 13.45 -3.43
N GLU A 258 20.42 14.36 -2.57
CA GLU A 258 21.50 14.09 -1.65
C GLU A 258 20.95 13.89 -0.25
N VAL A 259 21.39 12.82 0.42
CA VAL A 259 20.95 12.48 1.76
C VAL A 259 22.17 12.52 2.68
N ASP A 260 21.89 12.45 3.99
CA ASP A 260 22.92 12.46 5.00
C ASP A 260 23.29 11.03 5.40
N GLU A 261 24.23 10.92 6.35
CA GLU A 261 24.74 9.61 6.73
C GLU A 261 23.69 8.79 7.47
N GLU A 262 22.94 9.40 8.39
CA GLU A 262 21.93 8.68 9.14
C GLU A 262 20.81 8.19 8.23
N ASP A 263 20.31 9.06 7.36
CA ASP A 263 19.28 8.67 6.41
C ASP A 263 19.80 7.61 5.44
N ALA A 264 21.07 7.71 5.04
CA ALA A 264 21.65 6.71 4.16
C ALA A 264 21.72 5.34 4.85
N ALA A 265 22.13 5.31 6.11
CA ALA A 265 22.19 4.05 6.84
C ALA A 265 20.81 3.47 7.05
N LEU A 266 19.82 4.31 7.36
CA LEU A 266 18.46 3.84 7.52
C LEU A 266 17.91 3.25 6.22
N TYR A 267 18.17 3.93 5.10
CA TYR A 267 17.72 3.42 3.82
C TYR A 267 18.47 2.16 3.42
N ARG A 268 19.73 2.02 3.85
CA ARG A 268 20.46 0.79 3.57
C ARG A 268 19.90 -0.38 4.38
N HIS A 269 19.51 -0.12 5.64
CA HIS A 269 18.85 -1.17 6.42
C HIS A 269 17.51 -1.55 5.80
N LEU A 270 16.75 -0.56 5.35
CA LEU A 270 15.48 -0.84 4.67
C LEU A 270 15.71 -1.63 3.39
N GLY A 271 16.78 -1.30 2.66
CA GLY A 271 17.09 -2.05 1.45
C GLY A 271 17.53 -3.47 1.73
N THR A 272 18.24 -3.69 2.84
CA THR A 272 18.57 -5.06 3.25
C THR A 272 17.31 -5.83 3.59
N LEU A 273 16.37 -5.19 4.29
CA LEU A 273 15.09 -5.84 4.59
C LEU A 273 14.32 -6.16 3.31
N LEU A 274 14.33 -5.25 2.35
CA LEU A 274 13.64 -5.48 1.09
C LEU A 274 14.32 -6.56 0.26
N ARG A 275 15.65 -6.66 0.33
CA ARG A 275 16.35 -7.76 -0.32
C ARG A 275 15.99 -9.09 0.32
N HIS A 276 15.88 -9.12 1.65
CA HIS A 276 15.41 -10.31 2.33
C HIS A 276 13.99 -10.67 1.88
N CYS A 277 13.14 -9.66 1.70
CA CYS A 277 11.78 -9.90 1.22
C CYS A 277 11.77 -10.48 -0.19
N VAL A 278 12.60 -9.93 -1.08
CA VAL A 278 12.65 -10.41 -2.45
C VAL A 278 13.12 -11.86 -2.49
N MET A 279 14.07 -12.21 -1.62
CA MET A 279 14.52 -13.60 -1.51
C MET A 279 13.61 -14.44 -0.62
N LEU A 280 12.54 -13.87 -0.09
CA LEU A 280 11.61 -14.57 0.78
C LEU A 280 10.35 -14.94 0.00
N ALA A 281 9.77 -16.09 0.36
CA ALA A 281 8.53 -16.56 -0.21
C ALA A 281 7.40 -16.38 0.79
N ALA A 282 6.24 -15.96 0.31
CA ALA A 282 5.07 -15.73 1.14
C ALA A 282 4.05 -16.83 0.90
N ALA A 283 3.41 -17.29 1.98
CA ALA A 283 2.41 -18.34 1.87
C ALA A 283 1.14 -17.80 1.20
N GLY A 284 0.29 -18.73 0.79
CA GLY A 284 -0.95 -18.35 0.13
C GLY A 284 -0.80 -17.81 -1.27
N ASP A 285 0.34 -18.08 -1.92
CA ASP A 285 0.60 -17.63 -3.28
C ASP A 285 0.53 -16.11 -3.39
N ARG A 286 1.01 -15.42 -2.36
CA ARG A 286 1.11 -13.97 -2.37
C ARG A 286 2.55 -13.49 -2.52
N THR A 287 3.47 -14.39 -2.87
CA THR A 287 4.87 -14.02 -2.97
C THR A 287 5.10 -13.03 -4.11
N GLU A 288 4.37 -13.18 -5.22
CA GLU A 288 4.52 -12.24 -6.32
C GLU A 288 4.02 -10.85 -5.93
N GLU A 289 2.90 -10.78 -5.21
CA GLU A 289 2.39 -9.48 -4.75
C GLU A 289 3.34 -8.84 -3.75
N LEU A 290 3.90 -9.64 -2.84
CA LEU A 290 4.87 -9.10 -1.88
C LEU A 290 6.13 -8.59 -2.59
N HIS A 291 6.63 -9.35 -3.57
CA HIS A 291 7.78 -8.88 -4.35
C HIS A 291 7.45 -7.63 -5.12
N GLY A 292 6.23 -7.53 -5.66
CA GLY A 292 5.83 -6.32 -6.36
C GLY A 292 5.84 -5.10 -5.45
N HIS A 293 5.26 -5.24 -4.26
CA HIS A 293 5.25 -4.13 -3.31
C HIS A 293 6.66 -3.75 -2.88
N ALA A 294 7.51 -4.76 -2.62
CA ALA A 294 8.89 -4.47 -2.21
C ALA A 294 9.66 -3.78 -3.32
N VAL A 295 9.43 -4.18 -4.58
CA VAL A 295 10.14 -3.55 -5.69
C VAL A 295 9.62 -2.13 -5.92
N ASN A 296 8.31 -1.91 -5.76
CA ASN A 296 7.78 -0.56 -5.86
C ASN A 296 8.35 0.34 -4.78
N LEU A 297 8.57 -0.21 -3.58
CA LEU A 297 9.22 0.58 -2.54
C LEU A 297 10.69 0.83 -2.87
N LEU A 298 11.36 -0.15 -3.45
CA LEU A 298 12.76 0.02 -3.85
C LEU A 298 12.90 1.09 -4.93
N GLY A 299 11.90 1.23 -5.80
CA GLY A 299 11.96 2.19 -6.89
C GLY A 299 11.99 3.64 -6.46
N ASN A 300 11.72 3.92 -5.18
CA ASN A 300 11.74 5.29 -4.67
C ASN A 300 12.95 5.59 -3.80
N LEU A 301 13.72 4.58 -3.41
CA LEU A 301 14.88 4.79 -2.56
C LEU A 301 15.99 5.50 -3.34
N PRO A 302 16.88 6.20 -2.65
CA PRO A 302 18.02 6.82 -3.33
C PRO A 302 18.88 5.78 -4.03
N VAL A 303 19.35 6.14 -5.24
CA VAL A 303 20.05 5.18 -6.08
C VAL A 303 21.28 4.61 -5.39
N LYS A 304 22.02 5.46 -4.67
CA LYS A 304 23.18 4.99 -3.93
C LYS A 304 22.79 3.88 -2.95
N CYS A 305 21.66 4.05 -2.26
CA CYS A 305 21.21 3.05 -1.30
C CYS A 305 20.91 1.71 -1.95
N LEU A 306 20.92 1.63 -3.28
CA LEU A 306 20.77 0.34 -3.96
C LEU A 306 22.03 -0.51 -3.90
N ASP A 307 23.09 -0.04 -3.25
CA ASP A 307 24.32 -0.83 -3.15
C ASP A 307 24.11 -2.09 -2.33
N VAL A 308 23.07 -2.14 -1.49
CA VAL A 308 22.82 -3.32 -0.66
C VAL A 308 22.19 -4.47 -1.44
N LEU A 309 21.74 -4.23 -2.67
CA LEU A 309 21.20 -5.29 -3.50
C LEU A 309 22.28 -6.24 -4.01
N LEU A 310 23.55 -5.91 -3.82
CA LEU A 310 24.65 -6.71 -4.30
C LEU A 310 25.46 -7.38 -3.20
N THR A 311 25.47 -6.81 -2.00
CA THR A 311 26.22 -7.37 -0.88
C THR A 311 25.50 -8.59 -0.30
N VAL A 324 28.86 -13.80 -10.38
CA VAL A 324 29.39 -14.03 -9.04
C VAL A 324 28.24 -14.36 -8.09
N ASN A 325 27.79 -13.35 -7.33
CA ASN A 325 26.67 -13.49 -6.39
C ASN A 325 25.58 -12.53 -6.86
N MET A 326 24.81 -12.97 -7.86
CA MET A 326 23.77 -12.17 -8.48
C MET A 326 22.40 -12.81 -8.29
N ASP A 327 22.18 -13.45 -7.14
CA ASP A 327 20.91 -14.14 -6.90
C ASP A 327 19.75 -13.14 -6.79
N VAL A 328 19.97 -12.02 -6.10
CA VAL A 328 18.92 -11.01 -5.98
C VAL A 328 18.60 -10.43 -7.35
N ILE A 329 19.62 -10.18 -8.17
CA ILE A 329 19.39 -9.64 -9.50
C ILE A 329 18.67 -10.66 -10.38
N ARG A 330 18.97 -11.94 -10.20
CA ARG A 330 18.26 -12.99 -10.93
C ARG A 330 16.79 -13.04 -10.54
N VAL A 331 16.50 -12.93 -9.24
CA VAL A 331 15.11 -12.93 -8.80
C VAL A 331 14.37 -11.71 -9.34
N LEU A 332 15.05 -10.55 -9.36
CA LEU A 332 14.43 -9.34 -9.91
C LEU A 332 14.17 -9.48 -11.40
N LEU A 333 15.11 -10.07 -12.13
CA LEU A 333 14.93 -10.26 -13.57
C LEU A 333 13.80 -11.23 -13.86
N SER A 334 13.69 -12.31 -13.07
CA SER A 334 12.59 -13.25 -13.24
C SER A 334 11.26 -12.59 -12.90
N PHE A 335 11.24 -11.74 -11.87
CA PHE A 335 10.03 -11.00 -11.53
C PHE A 335 9.62 -10.08 -12.68
N MET A 336 10.59 -9.39 -13.28
CA MET A 336 10.28 -8.54 -14.43
C MET A 336 9.75 -9.36 -15.61
N GLU A 337 10.40 -10.50 -15.88
CA GLU A 337 9.97 -11.34 -16.99
C GLU A 337 8.56 -11.88 -16.79
N LYS A 338 8.19 -12.17 -15.54
CA LYS A 338 6.83 -12.60 -15.26
C LYS A 338 5.84 -11.45 -15.31
N ARG A 339 6.26 -10.25 -14.89
CA ARG A 339 5.37 -9.10 -14.92
C ARG A 339 5.17 -8.56 -16.33
N LEU A 340 6.04 -8.93 -17.28
CA LEU A 340 5.85 -8.50 -18.66
C LEU A 340 4.59 -9.07 -19.29
N HIS A 341 3.96 -10.08 -18.68
CA HIS A 341 2.73 -10.64 -19.20
C HIS A 341 1.53 -9.74 -18.94
N GLN A 342 1.63 -8.81 -18.00
CA GLN A 342 0.55 -7.87 -17.76
C GLN A 342 0.43 -6.91 -18.94
N THR A 343 -0.80 -6.70 -19.40
CA THR A 343 -1.07 -5.78 -20.50
C THR A 343 -1.89 -4.56 -20.08
N HIS A 344 -2.86 -4.75 -19.19
CA HIS A 344 -3.66 -3.64 -18.70
C HIS A 344 -2.86 -2.77 -17.74
N ARG A 345 -2.23 -3.39 -16.75
CA ARG A 345 -1.43 -2.70 -15.73
C ARG A 345 0.06 -2.86 -15.98
N LEU A 346 0.46 -2.87 -17.25
CA LEU A 346 1.85 -3.10 -17.61
C LEU A 346 2.76 -2.01 -17.04
N LYS A 347 2.34 -0.75 -17.12
CA LYS A 347 3.16 0.35 -16.63
C LYS A 347 3.43 0.20 -15.14
N GLU A 348 2.37 0.21 -14.32
CA GLU A 348 2.52 0.09 -12.88
C GLU A 348 3.12 -1.26 -12.48
N SER A 349 3.13 -2.24 -13.37
CA SER A 349 3.71 -3.55 -13.05
C SER A 349 5.21 -3.60 -13.28
N VAL A 350 5.70 -3.01 -14.38
CA VAL A 350 7.09 -3.22 -14.77
C VAL A 350 7.93 -1.94 -14.72
N ALA A 351 7.34 -0.77 -14.46
CA ALA A 351 8.15 0.44 -14.39
C ALA A 351 9.09 0.45 -13.19
N PRO A 352 8.65 0.14 -11.96
CA PRO A 352 9.61 0.18 -10.83
C PRO A 352 10.73 -0.82 -10.96
N VAL A 353 10.46 -2.05 -11.39
CA VAL A 353 11.51 -3.04 -11.49
C VAL A 353 12.50 -2.68 -12.60
N LEU A 354 11.99 -2.16 -13.72
CA LEU A 354 12.88 -1.72 -14.78
C LEU A 354 13.74 -0.56 -14.34
N SER A 355 13.17 0.38 -13.58
CA SER A 355 13.96 1.50 -13.07
C SER A 355 15.02 1.03 -12.08
N VAL A 356 14.67 0.09 -11.21
CA VAL A 356 15.63 -0.43 -10.24
C VAL A 356 16.78 -1.13 -10.96
N LEU A 357 16.46 -1.98 -11.94
CA LEU A 357 17.51 -2.66 -12.69
C LEU A 357 18.35 -1.68 -13.49
N THR A 358 17.73 -0.61 -14.02
CA THR A 358 18.49 0.42 -14.73
C THR A 358 19.49 1.09 -13.81
N GLU A 359 19.05 1.48 -12.62
CA GLU A 359 19.96 2.12 -11.68
C GLU A 359 21.02 1.16 -11.16
N CYS A 360 20.71 -0.13 -11.09
CA CYS A 360 21.70 -1.11 -10.67
C CYS A 360 22.77 -1.31 -11.75
N ALA A 361 22.34 -1.38 -13.01
CA ALA A 361 23.31 -1.53 -14.09
C ALA A 361 24.12 -0.25 -14.30
N ARG A 362 23.54 0.91 -13.97
CA ARG A 362 24.26 2.17 -14.10
C ARG A 362 25.31 2.35 -13.02
N MET A 363 25.05 1.85 -11.80
CA MET A 363 25.95 2.06 -10.68
C MET A 363 26.88 0.89 -10.42
N HIS A 364 26.75 -0.22 -11.15
CA HIS A 364 27.56 -1.40 -10.92
C HIS A 364 27.92 -2.03 -12.26
N ARG A 365 29.22 -2.06 -12.57
CA ARG A 365 29.73 -2.64 -13.81
C ARG A 365 29.54 -4.15 -13.86
N PRO A 366 29.79 -4.91 -12.78
CA PRO A 366 29.49 -6.35 -12.84
C PRO A 366 28.01 -6.64 -13.03
N ALA A 367 27.14 -5.89 -12.35
CA ALA A 367 25.71 -6.08 -12.56
C ALA A 367 25.30 -5.72 -13.99
N ARG A 368 25.91 -4.67 -14.55
CA ARG A 368 25.64 -4.30 -15.93
C ARG A 368 26.05 -5.43 -16.88
N LYS A 369 27.25 -5.99 -16.67
CA LYS A 369 27.70 -7.08 -17.52
C LYS A 369 26.81 -8.31 -17.38
N PHE A 370 26.37 -8.62 -16.16
CA PHE A 370 25.49 -9.75 -15.95
C PHE A 370 24.15 -9.56 -16.66
N LEU A 371 23.55 -8.38 -16.50
CA LEU A 371 22.27 -8.12 -17.16
C LEU A 371 22.42 -8.07 -18.68
N LYS A 372 23.58 -7.64 -19.19
CA LYS A 372 23.80 -7.68 -20.63
C LYS A 372 23.93 -9.12 -21.12
N ALA A 373 24.61 -9.97 -20.35
CA ALA A 373 24.76 -11.37 -20.74
C ALA A 373 23.44 -12.12 -20.64
N GLN A 374 22.55 -11.70 -19.75
CA GLN A 374 21.28 -12.39 -19.56
C GLN A 374 20.16 -11.87 -20.45
N VAL A 375 20.28 -10.63 -20.96
CA VAL A 375 19.24 -10.02 -21.77
C VAL A 375 19.67 -9.89 -23.23
N LEU A 376 20.91 -9.49 -23.48
CA LEU A 376 21.42 -9.24 -24.83
C LEU A 376 22.62 -10.14 -25.08
N PRO A 377 22.40 -11.41 -25.41
CA PRO A 377 23.52 -12.30 -25.70
C PRO A 377 24.12 -12.00 -27.05
N PRO A 378 25.35 -12.46 -27.32
CA PRO A 378 25.94 -12.25 -28.64
C PRO A 378 25.12 -12.92 -29.73
N LEU A 379 24.76 -12.14 -30.75
CA LEU A 379 23.91 -12.62 -31.82
C LEU A 379 24.68 -13.54 -32.75
N ARG A 380 24.08 -14.69 -33.09
CA ARG A 380 24.67 -15.61 -34.06
C ARG A 380 24.11 -15.33 -35.46
N ASP A 381 22.80 -15.42 -35.61
CA ASP A 381 22.11 -15.15 -36.87
C ASP A 381 21.50 -13.76 -36.78
N VAL A 382 21.99 -12.85 -37.61
CA VAL A 382 21.61 -11.44 -37.57
C VAL A 382 20.53 -11.18 -38.62
N ARG A 383 19.89 -12.26 -39.08
CA ARG A 383 18.82 -12.14 -40.05
C ARG A 383 17.49 -11.77 -39.41
N THR A 384 17.28 -12.12 -38.15
CA THR A 384 16.02 -11.84 -37.48
C THR A 384 15.99 -10.41 -36.98
N ARG A 385 14.90 -9.71 -37.28
CA ARG A 385 14.75 -8.33 -36.85
C ARG A 385 14.55 -8.27 -35.33
N PRO A 386 14.97 -7.16 -34.69
CA PRO A 386 14.79 -7.05 -33.24
C PRO A 386 13.33 -7.04 -32.80
N GLU A 387 12.43 -6.53 -33.64
CA GLU A 387 11.02 -6.44 -33.31
C GLU A 387 10.24 -7.69 -33.73
N VAL A 388 10.92 -8.74 -34.17
CA VAL A 388 10.28 -9.98 -34.60
C VAL A 388 10.73 -11.10 -33.67
N GLY A 389 9.77 -11.82 -33.11
CA GLY A 389 10.04 -12.94 -32.24
C GLY A 389 9.29 -12.83 -30.93
N GLU A 390 9.46 -13.84 -30.09
CA GLU A 390 8.84 -13.89 -28.77
C GLU A 390 9.86 -13.96 -27.65
N LEU A 391 11.13 -13.70 -27.94
CA LEU A 391 12.15 -13.70 -26.90
C LEU A 391 11.99 -12.49 -25.98
N LEU A 392 12.82 -12.45 -24.93
CA LEU A 392 12.80 -11.31 -24.03
C LEU A 392 13.22 -10.03 -24.75
N ARG A 393 14.23 -10.12 -25.62
CA ARG A 393 14.65 -8.97 -26.40
C ARG A 393 13.53 -8.47 -27.30
N ASN A 394 12.83 -9.39 -27.97
CA ASN A 394 11.74 -9.01 -28.85
C ASN A 394 10.59 -8.39 -28.07
N LYS A 395 10.28 -8.95 -26.89
CA LYS A 395 9.23 -8.38 -26.05
C LYS A 395 9.59 -6.96 -25.61
N LEU A 396 10.84 -6.75 -25.19
CA LEU A 396 11.24 -5.41 -24.76
C LEU A 396 11.25 -4.44 -25.94
N VAL A 397 11.62 -4.91 -27.13
CA VAL A 397 11.60 -4.04 -28.30
C VAL A 397 10.17 -3.65 -28.66
N ARG A 398 9.23 -4.61 -28.57
CA ARG A 398 7.82 -4.27 -28.79
C ARG A 398 7.31 -3.30 -27.73
N LEU A 399 7.80 -3.44 -26.49
CA LEU A 399 7.43 -2.50 -25.44
C LEU A 399 8.05 -1.13 -25.67
N MET A 400 9.15 -1.04 -26.43
CA MET A 400 9.69 0.26 -26.79
C MET A 400 8.78 1.03 -27.73
N THR A 401 7.82 0.34 -28.37
CA THR A 401 6.81 0.98 -29.21
C THR A 401 5.43 0.95 -28.54
N HIS A 402 5.40 0.88 -27.22
CA HIS A 402 4.15 0.84 -26.47
C HIS A 402 3.41 2.17 -26.61
N LEU A 403 2.15 2.18 -26.22
CA LEU A 403 1.36 3.40 -26.28
C LEU A 403 1.77 4.41 -25.22
N ASP A 404 2.43 3.97 -24.15
CA ASP A 404 2.83 4.84 -23.05
C ASP A 404 4.27 5.29 -23.26
N THR A 405 4.45 6.61 -23.42
CA THR A 405 5.79 7.16 -23.61
C THR A 405 6.68 6.90 -22.40
N ASP A 406 6.10 6.81 -21.20
CA ASP A 406 6.89 6.49 -20.02
C ASP A 406 7.48 5.08 -20.14
N VAL A 407 6.64 4.12 -20.52
CA VAL A 407 7.14 2.75 -20.71
C VAL A 407 8.19 2.72 -21.82
N LYS A 408 7.94 3.43 -22.92
CA LYS A 408 8.91 3.49 -24.01
C LYS A 408 10.26 4.00 -23.51
N ARG A 409 10.26 5.14 -22.83
CA ARG A 409 11.50 5.76 -22.38
C ARG A 409 12.20 4.90 -21.33
N VAL A 410 11.44 4.28 -20.44
CA VAL A 410 12.05 3.44 -19.40
C VAL A 410 12.72 2.23 -20.03
N ALA A 411 12.03 1.55 -20.96
CA ALA A 411 12.63 0.41 -21.63
C ALA A 411 13.85 0.83 -22.44
N ALA A 412 13.78 1.99 -23.09
CA ALA A 412 14.90 2.47 -23.89
C ALA A 412 16.12 2.76 -23.01
N GLU A 413 15.91 3.46 -21.89
CA GLU A 413 17.03 3.75 -20.98
C GLU A 413 17.58 2.47 -20.37
N PHE A 414 16.72 1.51 -20.07
CA PHE A 414 17.18 0.24 -19.51
C PHE A 414 18.07 -0.49 -20.51
N LEU A 415 17.61 -0.62 -21.76
CA LEU A 415 18.43 -1.28 -22.77
C LEU A 415 19.67 -0.47 -23.11
N PHE A 416 19.66 0.84 -22.88
CA PHE A 416 20.82 1.67 -23.16
C PHE A 416 21.90 1.49 -22.10
N VAL A 417 21.50 1.45 -20.82
CA VAL A 417 22.49 1.25 -19.77
C VAL A 417 22.99 -0.20 -19.74
N LEU A 418 22.27 -1.12 -20.38
CA LEU A 418 22.76 -2.49 -20.48
C LEU A 418 23.88 -2.61 -21.51
N CYS A 419 23.85 -1.80 -22.56
CA CYS A 419 24.89 -1.79 -23.58
C CYS A 419 26.09 -0.95 -23.19
N SER A 420 26.32 -0.76 -21.88
CA SER A 420 27.40 0.08 -21.37
C SER A 420 27.33 1.50 -21.92
N GLU A 421 26.10 1.98 -22.15
CA GLU A 421 25.85 3.32 -22.69
C GLU A 421 26.58 3.54 -24.02
N SER A 422 26.55 2.51 -24.87
CA SER A 422 27.16 2.56 -26.20
C SER A 422 26.07 2.76 -27.24
N VAL A 423 26.14 3.87 -27.96
CA VAL A 423 25.13 4.24 -28.95
C VAL A 423 25.11 3.26 -30.13
N PRO A 424 26.24 2.90 -30.74
CA PRO A 424 26.16 1.93 -31.84
C PRO A 424 25.67 0.57 -31.41
N ARG A 425 26.08 0.11 -30.23
CA ARG A 425 25.60 -1.17 -29.71
C ARG A 425 24.09 -1.12 -29.45
N PHE A 426 23.61 0.00 -28.89
CA PHE A 426 22.19 0.14 -28.61
C PHE A 426 21.38 0.19 -29.90
N ILE A 427 21.90 0.85 -30.94
CA ILE A 427 21.19 0.88 -32.21
C ILE A 427 21.21 -0.48 -32.89
N LYS A 428 22.31 -1.23 -32.73
CA LYS A 428 22.40 -2.55 -33.35
C LYS A 428 21.44 -3.54 -32.68
N TYR A 429 21.32 -3.47 -31.35
CA TYR A 429 20.47 -4.42 -30.65
C TYR A 429 19.00 -4.07 -30.73
N THR A 430 18.66 -2.78 -30.80
CA THR A 430 17.26 -2.35 -30.79
C THR A 430 16.74 -1.96 -32.17
N GLY A 431 17.51 -1.22 -32.95
CA GLY A 431 17.04 -0.74 -34.23
C GLY A 431 16.64 0.72 -34.17
N TYR A 432 16.70 1.38 -35.32
CA TYR A 432 16.40 2.82 -35.36
C TYR A 432 14.93 3.09 -35.08
N GLY A 433 14.04 2.27 -35.66
CA GLY A 433 12.62 2.47 -35.47
C GLY A 433 12.17 2.41 -34.02
N ASN A 434 12.94 1.74 -33.17
CA ASN A 434 12.63 1.66 -31.75
C ASN A 434 13.48 2.59 -30.90
N ALA A 435 14.68 2.93 -31.35
CA ALA A 435 15.59 3.78 -30.60
C ALA A 435 15.42 5.26 -30.92
N ALA A 436 14.60 5.61 -31.90
CA ALA A 436 14.39 7.01 -32.24
C ALA A 436 13.79 7.78 -31.07
N GLY A 437 12.93 7.14 -30.26
CA GLY A 437 12.36 7.83 -29.11
C GLY A 437 13.42 8.23 -28.10
N LEU A 438 14.38 7.34 -27.83
CA LEU A 438 15.46 7.68 -26.91
C LEU A 438 16.42 8.67 -27.53
N LEU A 439 16.70 8.54 -28.83
CA LEU A 439 17.65 9.45 -29.47
C LEU A 439 17.10 10.87 -29.54
N ALA A 440 15.80 11.02 -29.75
CA ALA A 440 15.20 12.34 -29.78
C ALA A 440 15.00 12.93 -28.39
N ALA A 441 14.92 12.09 -27.35
CA ALA A 441 14.76 12.60 -26.00
C ALA A 441 16.00 13.33 -25.52
N ARG A 442 17.18 12.79 -25.83
CA ARG A 442 18.43 13.45 -25.47
C ARG A 442 19.00 14.22 -26.66
#